data_8ERX
#
_entry.id   8ERX
#
_cell.length_a   56.355
_cell.length_b   79.324
_cell.length_c   57.645
_cell.angle_alpha   90.000
_cell.angle_beta   116.100
_cell.angle_gamma   90.000
#
_symmetry.space_group_name_H-M   'P 1 21 1'
#
loop_
_entity.id
_entity.type
_entity.pdbx_description
1 polymer HLA-A*02:01
2 polymer Beta-2-microglobulin
3 polymer 'HIV-1 RT'
4 water water
#
loop_
_entity_poly.entity_id
_entity_poly.type
_entity_poly.pdbx_seq_one_letter_code
_entity_poly.pdbx_strand_id
1 'polypeptide(L)'
;GSHSMRYFFTSVSRPGRGEPRFIAVGYVDDTQFVRFDSDAASQRMEPRAPWIEQEGPEYWDQETRNVKAQSQTDRVDLGT
LRGYYNQSEAGSHTIQIMYGCDVGSDWRFLRGYRQDAYDGKDYIALKEDLRSWTAADMAAQTTKHKWEAAHEAEQLRAYL
EGTCVEWLRRYLENGKETLQRTDAPKTHMTHHAVSDHEATLRCWALSFYPAEITLTWQRDGEDQTQDTELVETRPAGDGT
FQKWVAVVVPSGQEQRYTCHVQHEGLPKPLTLRW
;
A
2 'polypeptide(L)'
;IQRTPKIQVYSRHPAENGKSNFLNCYVSGFHPSDIEVDLLKNGERIEKVEHSDLSFSKDWSFYLLYYTEFTPTEKDEYAC
RVNHVTLSQPKIVKWDRDM
;
B
3 'polypeptide(L)' AIFQSSMTK C
#
# COMPACT_ATOMS: atom_id res chain seq x y z
N GLY A 1 18.15 -7.80 9.92
CA GLY A 1 17.69 -6.75 9.03
C GLY A 1 16.77 -5.75 9.69
N SER A 2 16.52 -4.65 9.00
CA SER A 2 15.65 -3.60 9.52
C SER A 2 14.19 -4.04 9.49
N HIS A 3 13.40 -3.50 10.43
CA HIS A 3 11.98 -3.81 10.52
C HIS A 3 11.21 -2.56 10.91
N SER A 4 9.92 -2.55 10.57
CA SER A 4 9.08 -1.39 10.77
C SER A 4 7.68 -1.81 11.20
N MET A 5 7.06 -0.99 12.04
CA MET A 5 5.64 -1.08 12.33
C MET A 5 5.01 0.27 12.01
N ARG A 6 3.99 0.29 11.16
CA ARG A 6 3.35 1.53 10.72
C ARG A 6 1.84 1.36 10.79
N TYR A 7 1.15 2.47 11.08
CA TYR A 7 -0.30 2.52 11.09
C TYR A 7 -0.77 3.60 10.14
N PHE A 8 -1.82 3.29 9.37
CA PHE A 8 -2.39 4.21 8.39
C PHE A 8 -3.85 4.48 8.76
N PHE A 9 -4.23 5.75 8.78
CA PHE A 9 -5.59 6.15 9.11
C PHE A 9 -6.14 7.06 8.02
N THR A 10 -7.40 6.83 7.64
CA THR A 10 -8.08 7.61 6.63
C THR A 10 -9.48 7.95 7.10
N SER A 11 -9.80 9.24 7.14
CA SER A 11 -11.12 9.73 7.50
C SER A 11 -11.67 10.59 6.36
N VAL A 12 -12.83 10.22 5.85
CA VAL A 12 -13.47 10.91 4.73
C VAL A 12 -14.81 11.45 5.20
N SER A 13 -14.94 12.77 5.23
CA SER A 13 -16.18 13.40 5.67
C SER A 13 -17.33 13.00 4.75
N ARG A 14 -18.53 12.91 5.33
CA ARG A 14 -19.73 12.49 4.61
C ARG A 14 -20.78 13.59 4.76
N PRO A 15 -20.72 14.64 3.94
CA PRO A 15 -21.84 15.59 3.89
C PRO A 15 -23.05 14.92 3.30
N GLY A 16 -24.22 15.38 3.75
CA GLY A 16 -25.46 14.74 3.35
C GLY A 16 -26.04 13.94 4.48
N ARG A 17 -25.23 13.06 5.07
CA ARG A 17 -25.68 12.28 6.22
C ARG A 17 -24.51 11.57 6.88
N GLY A 18 -24.47 11.64 8.21
CA GLY A 18 -23.70 10.70 8.98
C GLY A 18 -22.29 11.12 9.30
N GLU A 19 -21.61 10.21 10.00
CA GLU A 19 -20.25 10.42 10.44
C GLU A 19 -19.26 10.11 9.31
N PRO A 20 -18.03 10.59 9.42
CA PRO A 20 -17.04 10.29 8.38
C PRO A 20 -16.72 8.81 8.31
N ARG A 21 -16.37 8.35 7.10
CA ARG A 21 -15.86 7.01 6.93
C ARG A 21 -14.43 6.94 7.49
N PHE A 22 -14.18 5.96 8.35
CA PHE A 22 -12.88 5.84 9.01
C PHE A 22 -12.34 4.44 8.77
N ILE A 23 -11.13 4.36 8.20
CA ILE A 23 -10.46 3.10 7.94
C ILE A 23 -9.04 3.19 8.47
N ALA A 24 -8.67 2.24 9.32
CA ALA A 24 -7.33 2.15 9.88
C ALA A 24 -6.74 0.78 9.57
N VAL A 25 -5.47 0.75 9.19
CA VAL A 25 -4.76 -0.50 8.91
C VAL A 25 -3.40 -0.45 9.58
N GLY A 26 -2.94 -1.59 10.06
CA GLY A 26 -1.64 -1.71 10.70
C GLY A 26 -0.76 -2.68 9.94
N TYR A 27 0.52 -2.32 9.77
CA TYR A 27 1.49 -3.13 9.06
C TYR A 27 2.71 -3.38 9.94
N VAL A 28 3.21 -4.61 9.88
CA VAL A 28 4.58 -4.93 10.28
C VAL A 28 5.34 -5.22 8.99
N ASP A 29 6.30 -4.36 8.67
CA ASP A 29 6.95 -4.38 7.36
C ASP A 29 5.90 -4.27 6.27
N ASP A 30 5.82 -5.27 5.38
CA ASP A 30 4.83 -5.29 4.31
C ASP A 30 3.67 -6.23 4.62
N THR A 31 3.49 -6.62 5.89
CA THR A 31 2.44 -7.54 6.28
C THR A 31 1.39 -6.77 7.07
N GLN A 32 0.18 -6.68 6.53
CA GLN A 32 -0.96 -6.13 7.26
C GLN A 32 -1.40 -7.14 8.32
N PHE A 33 -1.61 -6.65 9.56
CA PHE A 33 -2.00 -7.53 10.65
C PHE A 33 -3.24 -7.09 11.42
N VAL A 34 -3.68 -5.84 11.30
CA VAL A 34 -4.91 -5.37 11.93
C VAL A 34 -5.62 -4.41 11.00
N ARG A 35 -6.92 -4.24 11.25
CA ARG A 35 -7.71 -3.26 10.50
C ARG A 35 -8.88 -2.80 11.38
N PHE A 36 -9.40 -1.63 11.04
CA PHE A 36 -10.65 -1.14 11.59
C PHE A 36 -11.41 -0.41 10.49
N ASP A 37 -12.68 -0.75 10.34
CA ASP A 37 -13.53 -0.12 9.34
C ASP A 37 -14.79 0.36 10.04
N SER A 38 -15.04 1.67 9.99
CA SER A 38 -16.24 2.23 10.62
C SER A 38 -17.50 1.62 10.03
N ASP A 39 -17.46 1.19 8.78
CA ASP A 39 -18.62 0.61 8.11
C ASP A 39 -18.79 -0.88 8.40
N ALA A 40 -17.83 -1.52 9.05
CA ALA A 40 -17.96 -2.93 9.37
C ALA A 40 -18.90 -3.12 10.56
N ALA A 41 -19.47 -4.31 10.66
CA ALA A 41 -20.49 -4.57 11.68
C ALA A 41 -19.89 -4.79 13.06
N SER A 42 -18.68 -5.34 13.13
CA SER A 42 -18.10 -5.69 14.43
C SER A 42 -17.85 -4.46 15.29
N GLN A 43 -17.47 -3.34 14.67
CA GLN A 43 -17.03 -2.15 15.39
C GLN A 43 -15.88 -2.48 16.34
N ARG A 44 -15.01 -3.39 15.90
CA ARG A 44 -13.85 -3.83 16.66
C ARG A 44 -12.63 -3.80 15.77
N MET A 45 -11.47 -3.61 16.38
CA MET A 45 -10.22 -3.85 15.66
C MET A 45 -10.15 -5.33 15.31
N GLU A 46 -9.82 -5.62 14.05
CA GLU A 46 -9.90 -7.00 13.59
C GLU A 46 -8.53 -7.54 13.19
N PRO A 47 -8.28 -8.82 13.42
CA PRO A 47 -7.01 -9.41 12.97
C PRO A 47 -6.99 -9.63 11.46
N ARG A 48 -5.83 -9.40 10.86
CA ARG A 48 -5.63 -9.68 9.44
C ARG A 48 -4.40 -10.54 9.19
N ALA A 49 -3.80 -11.11 10.24
CA ALA A 49 -2.67 -12.01 10.15
C ALA A 49 -2.83 -13.04 11.25
N PRO A 50 -2.49 -14.31 11.00
CA PRO A 50 -2.72 -15.35 12.02
C PRO A 50 -1.96 -15.10 13.32
N TRP A 51 -0.75 -14.55 13.25
CA TRP A 51 0.08 -14.45 14.46
C TRP A 51 -0.43 -13.41 15.44
N ILE A 52 -1.29 -12.48 15.01
CA ILE A 52 -1.86 -11.52 15.95
C ILE A 52 -3.08 -12.11 16.67
N GLU A 53 -3.66 -13.19 16.16
CA GLU A 53 -4.77 -13.84 16.84
C GLU A 53 -4.35 -14.48 18.15
N GLN A 54 -3.05 -14.64 18.41
CA GLN A 54 -2.59 -15.12 19.71
C GLN A 54 -2.93 -14.15 20.84
N GLU A 55 -3.10 -12.87 20.52
CA GLU A 55 -3.36 -11.87 21.55
C GLU A 55 -4.72 -12.10 22.19
N GLY A 56 -4.79 -11.85 23.51
CA GLY A 56 -5.99 -12.11 24.26
C GLY A 56 -6.99 -10.98 24.16
N PRO A 57 -8.13 -11.16 24.85
CA PRO A 57 -9.22 -10.18 24.74
C PRO A 57 -8.85 -8.80 25.25
N GLU A 58 -7.90 -8.70 26.17
CA GLU A 58 -7.50 -7.40 26.69
C GLU A 58 -6.81 -6.57 25.61
N TYR A 59 -6.01 -7.21 24.76
CA TYR A 59 -5.37 -6.50 23.65
C TYR A 59 -6.41 -5.94 22.69
N TRP A 60 -7.40 -6.76 22.35
CA TRP A 60 -8.41 -6.32 21.38
C TRP A 60 -9.33 -5.26 21.96
N ASP A 61 -9.63 -5.35 23.26
CA ASP A 61 -10.37 -4.29 23.92
C ASP A 61 -9.60 -2.97 23.88
N GLN A 62 -8.31 -3.03 24.22
CA GLN A 62 -7.47 -1.83 24.22
C GLN A 62 -7.36 -1.23 22.83
N GLU A 63 -7.12 -2.08 21.83
CA GLU A 63 -6.96 -1.57 20.46
C GLU A 63 -8.26 -0.98 19.92
N THR A 64 -9.39 -1.62 20.23
CA THR A 64 -10.68 -1.10 19.78
C THR A 64 -10.99 0.24 20.43
N ARG A 65 -10.76 0.33 21.75
CA ARG A 65 -11.00 1.58 22.46
CA ARG A 65 -11.00 1.58 22.47
C ARG A 65 -10.16 2.71 21.91
N ASN A 66 -8.86 2.47 21.71
CA ASN A 66 -7.95 3.52 21.26
C ASN A 66 -8.20 3.89 19.81
N VAL A 67 -8.54 2.91 18.96
CA VAL A 67 -8.79 3.24 17.56
C VAL A 67 -10.10 3.99 17.41
N LYS A 68 -11.07 3.75 18.29
CA LYS A 68 -12.30 4.54 18.25
C LYS A 68 -12.02 5.97 18.70
N ALA A 69 -11.20 6.14 19.73
CA ALA A 69 -10.80 7.48 20.16
C ALA A 69 -10.06 8.22 19.05
N GLN A 70 -9.19 7.51 18.32
CA GLN A 70 -8.51 8.14 17.18
C GLN A 70 -9.50 8.58 16.12
N SER A 71 -10.51 7.75 15.86
CA SER A 71 -11.52 8.11 14.86
CA SER A 71 -11.51 8.11 14.86
C SER A 71 -12.27 9.37 15.27
N GLN A 72 -12.63 9.48 16.56
CA GLN A 72 -13.33 10.67 17.04
C GLN A 72 -12.44 11.90 16.91
N THR A 73 -11.15 11.77 17.23
CA THR A 73 -10.23 12.89 17.08
C THR A 73 -10.16 13.34 15.62
N ASP A 74 -10.10 12.40 14.69
CA ASP A 74 -10.06 12.74 13.27
C ASP A 74 -11.37 13.38 12.81
N ARG A 75 -12.51 12.95 13.38
CA ARG A 75 -13.77 13.59 13.02
C ARG A 75 -13.80 15.04 13.49
N VAL A 76 -13.35 15.28 14.72
CA VAL A 76 -13.21 16.65 15.20
C VAL A 76 -12.27 17.44 14.31
N ASP A 77 -11.16 16.82 13.91
CA ASP A 77 -10.17 17.53 13.10
C ASP A 77 -10.73 17.89 11.73
N LEU A 78 -11.59 17.02 11.18
CA LEU A 78 -12.21 17.32 9.88
C LEU A 78 -13.05 18.58 9.96
N GLY A 79 -13.80 18.75 11.05
CA GLY A 79 -14.58 19.96 11.21
C GLY A 79 -13.70 21.17 11.49
N THR A 80 -12.66 21.01 12.30
CA THR A 80 -11.75 22.10 12.58
C THR A 80 -11.03 22.55 11.32
N LEU A 81 -10.51 21.59 10.54
CA LEU A 81 -9.76 21.94 9.35
C LEU A 81 -10.65 22.55 8.28
N ARG A 82 -11.91 22.12 8.21
CA ARG A 82 -12.88 22.80 7.35
C ARG A 82 -13.00 24.27 7.73
N GLY A 83 -13.01 24.57 9.02
CA GLY A 83 -13.04 25.96 9.45
C GLY A 83 -11.73 26.68 9.17
N TYR A 84 -10.61 25.99 9.36
CA TYR A 84 -9.31 26.60 9.07
C TYR A 84 -9.23 27.07 7.62
N TYR A 85 -9.69 26.25 6.69
CA TYR A 85 -9.52 26.51 5.26
C TYR A 85 -10.71 27.25 4.63
N ASN A 86 -11.66 27.71 5.43
CA ASN A 86 -12.81 28.47 4.94
C ASN A 86 -13.57 27.69 3.85
N GLN A 87 -13.72 26.38 4.07
CA GLN A 87 -14.42 25.51 3.14
C GLN A 87 -15.88 25.38 3.55
N SER A 88 -16.74 25.17 2.55
CA SER A 88 -18.15 24.99 2.81
C SER A 88 -18.43 23.59 3.36
N GLU A 89 -19.56 23.46 4.05
CA GLU A 89 -19.95 22.19 4.65
C GLU A 89 -20.56 21.22 3.65
N ALA A 90 -20.60 21.58 2.36
CA ALA A 90 -21.23 20.75 1.35
C ALA A 90 -20.29 19.72 0.74
N GLY A 91 -18.99 19.99 0.73
CA GLY A 91 -18.05 19.08 0.10
C GLY A 91 -17.46 18.05 1.05
N SER A 92 -16.99 16.95 0.46
CA SER A 92 -16.30 15.91 1.20
C SER A 92 -14.81 16.21 1.25
N HIS A 93 -14.18 15.90 2.39
CA HIS A 93 -12.76 16.13 2.57
C HIS A 93 -12.15 14.94 3.32
N THR A 94 -10.83 14.81 3.22
CA THR A 94 -10.12 13.63 3.68
C THR A 94 -8.93 14.02 4.53
N ILE A 95 -8.77 13.34 5.67
CA ILE A 95 -7.57 13.46 6.50
C ILE A 95 -6.87 12.10 6.49
N GLN A 96 -5.57 12.12 6.24
CA GLN A 96 -4.75 10.92 6.23
C GLN A 96 -3.64 11.05 7.25
N ILE A 97 -3.37 9.95 7.96
CA ILE A 97 -2.36 9.91 9.01
C ILE A 97 -1.56 8.62 8.87
N MET A 98 -0.23 8.75 8.90
CA MET A 98 0.68 7.61 8.98
C MET A 98 1.73 7.92 10.03
N TYR A 99 1.93 6.97 10.96
CA TYR A 99 3.01 7.04 11.93
C TYR A 99 3.53 5.63 12.16
N GLY A 100 4.77 5.55 12.64
CA GLY A 100 5.37 4.26 12.89
C GLY A 100 6.79 4.42 13.38
N CYS A 101 7.45 3.29 13.58
CA CYS A 101 8.81 3.25 14.09
C CYS A 101 9.57 2.11 13.41
N ASP A 102 10.88 2.30 13.27
CA ASP A 102 11.75 1.29 12.68
C ASP A 102 12.79 0.86 13.70
N VAL A 103 13.07 -0.44 13.72
CA VAL A 103 14.18 -0.98 14.48
C VAL A 103 15.24 -1.44 13.50
N GLY A 104 16.51 -1.24 13.86
CA GLY A 104 17.62 -1.56 12.99
C GLY A 104 18.03 -3.02 13.07
N SER A 105 19.10 -3.33 12.35
CA SER A 105 19.66 -4.68 12.39
C SER A 105 20.12 -5.08 13.78
N ASP A 106 20.31 -4.12 14.68
CA ASP A 106 20.67 -4.39 16.06
C ASP A 106 19.46 -4.61 16.95
N TRP A 107 18.26 -4.66 16.37
CA TRP A 107 17.00 -4.82 17.09
C TRP A 107 16.73 -3.71 18.09
N ARG A 108 17.42 -2.58 17.96
CA ARG A 108 17.17 -1.40 18.78
C ARG A 108 16.47 -0.33 17.96
N PHE A 109 15.93 0.67 18.66
CA PHE A 109 15.25 1.78 18.01
C PHE A 109 16.14 2.41 16.97
N LEU A 110 15.59 2.64 15.77
CA LEU A 110 16.32 3.29 14.69
C LEU A 110 15.68 4.60 14.28
N ARG A 111 14.36 4.63 14.12
CA ARG A 111 13.68 5.83 13.62
C ARG A 111 12.24 5.84 14.10
N GLY A 112 11.68 7.04 14.17
CA GLY A 112 10.26 7.21 14.37
C GLY A 112 9.75 8.33 13.48
N TYR A 113 8.46 8.29 13.17
CA TYR A 113 7.93 9.23 12.21
C TYR A 113 6.41 9.33 12.35
N ARG A 114 5.88 10.48 11.95
CA ARG A 114 4.43 10.69 11.84
C ARG A 114 4.17 11.78 10.81
N GLN A 115 3.25 11.53 9.91
CA GLN A 115 2.87 12.49 8.88
C GLN A 115 1.37 12.60 8.81
N ASP A 116 0.86 13.83 8.76
CA ASP A 116 -0.57 14.09 8.65
C ASP A 116 -0.84 14.88 7.38
N ALA A 117 -1.94 14.56 6.72
CA ALA A 117 -2.29 15.20 5.45
C ALA A 117 -3.76 15.58 5.44
N TYR A 118 -4.08 16.62 4.65
CA TYR A 118 -5.45 17.07 4.45
C TYR A 118 -5.69 17.21 2.95
N ASP A 119 -6.71 16.51 2.46
CA ASP A 119 -7.09 16.53 1.04
C ASP A 119 -5.90 16.17 0.15
N GLY A 120 -5.16 15.15 0.55
CA GLY A 120 -4.07 14.64 -0.27
C GLY A 120 -2.82 15.49 -0.30
N LYS A 121 -2.70 16.48 0.57
CA LYS A 121 -1.50 17.30 0.64
C LYS A 121 -0.95 17.29 2.05
N ASP A 122 0.36 17.46 2.15
CA ASP A 122 1.01 17.55 3.45
C ASP A 122 0.34 18.60 4.32
N TYR A 123 0.08 18.23 5.57
CA TYR A 123 -0.43 19.17 6.56
C TYR A 123 0.61 19.44 7.63
N ILE A 124 0.94 18.43 8.45
CA ILE A 124 1.95 18.57 9.49
C ILE A 124 2.71 17.24 9.60
N ALA A 125 4.00 17.33 9.88
CA ALA A 125 4.88 16.16 9.95
C ALA A 125 5.85 16.32 11.10
N LEU A 126 6.09 15.22 11.82
CA LEU A 126 7.08 15.23 12.89
C LEU A 126 8.48 15.31 12.31
N LYS A 127 9.34 16.06 12.98
CA LYS A 127 10.72 16.14 12.53
C LYS A 127 11.47 14.86 12.91
N GLU A 128 12.66 14.69 12.32
CA GLU A 128 13.43 13.46 12.54
C GLU A 128 13.81 13.30 14.00
N ASP A 129 14.12 14.41 14.68
CA ASP A 129 14.49 14.35 16.09
C ASP A 129 13.30 14.08 17.01
N LEU A 130 12.08 14.06 16.48
CA LEU A 130 10.86 13.79 17.24
C LEU A 130 10.57 14.83 18.30
N ARG A 131 11.10 16.05 18.16
CA ARG A 131 10.95 17.09 19.17
C ARG A 131 10.14 18.29 18.71
N SER A 132 9.87 18.44 17.42
CA SER A 132 9.08 19.55 16.92
C SER A 132 8.43 19.14 15.61
N TRP A 133 7.49 19.97 15.15
CA TRP A 133 6.70 19.67 13.96
C TRP A 133 7.05 20.61 12.82
N THR A 134 6.80 20.13 11.61
CA THR A 134 6.93 20.93 10.39
C THR A 134 5.53 21.15 9.83
N ALA A 135 5.15 22.42 9.69
CA ALA A 135 3.81 22.80 9.25
C ALA A 135 3.88 23.29 7.80
N ALA A 136 2.98 22.77 6.96
CA ALA A 136 3.01 23.11 5.54
C ALA A 136 2.46 24.51 5.26
N ASP A 137 1.47 24.97 6.02
CA ASP A 137 0.86 26.27 5.80
C ASP A 137 0.49 26.88 7.15
N MET A 138 -0.34 27.94 7.09
CA MET A 138 -0.67 28.70 8.29
C MET A 138 -1.70 28.00 9.18
N ALA A 139 -2.61 27.22 8.58
CA ALA A 139 -3.51 26.42 9.39
C ALA A 139 -2.73 25.35 10.16
N ALA A 140 -1.82 24.67 9.46
CA ALA A 140 -0.93 23.73 10.13
C ALA A 140 -0.02 24.44 11.13
N GLN A 141 0.34 25.69 10.86
CA GLN A 141 1.12 26.47 11.82
CA GLN A 141 1.12 26.47 11.82
C GLN A 141 0.36 26.63 13.12
N THR A 142 -0.96 26.89 13.03
CA THR A 142 -1.80 26.97 14.21
C THR A 142 -1.77 25.66 14.99
N THR A 143 -1.94 24.53 14.29
CA THR A 143 -1.84 23.23 14.93
C THR A 143 -0.47 23.04 15.58
N LYS A 144 0.60 23.44 14.88
CA LYS A 144 1.95 23.23 15.40
C LYS A 144 2.15 23.98 16.72
N HIS A 145 1.74 25.25 16.76
CA HIS A 145 1.89 26.03 18.00
C HIS A 145 1.08 25.45 19.13
N LYS A 146 -0.14 24.96 18.84
CA LYS A 146 -0.97 24.36 19.87
C LYS A 146 -0.33 23.08 20.41
N TRP A 147 0.13 22.21 19.51
CA TRP A 147 0.71 20.94 19.94
C TRP A 147 1.99 21.14 20.72
N GLU A 148 2.88 22.01 20.24
CA GLU A 148 4.16 22.18 20.88
C GLU A 148 4.04 22.88 22.24
N ALA A 149 2.97 23.63 22.47
CA ALA A 149 2.76 24.28 23.76
C ALA A 149 2.04 23.39 24.77
N ALA A 150 1.54 22.23 24.33
CA ALA A 150 0.73 21.39 25.19
C ALA A 150 1.58 20.67 26.23
N HIS A 151 0.97 20.40 27.39
CA HIS A 151 1.66 19.68 28.45
C HIS A 151 2.03 18.27 28.01
N GLU A 152 1.16 17.61 27.26
CA GLU A 152 1.33 16.22 26.85
C GLU A 152 2.06 16.09 25.52
N ALA A 153 2.75 17.14 25.08
CA ALA A 153 3.42 17.11 23.79
C ALA A 153 4.40 15.94 23.70
N GLU A 154 5.02 15.58 24.83
CA GLU A 154 6.07 14.57 24.80
C GLU A 154 5.54 13.17 24.49
N GLN A 155 4.23 12.94 24.64
CA GLN A 155 3.71 11.58 24.65
C GLN A 155 4.00 10.82 23.36
N LEU A 156 3.85 11.49 22.21
CA LEU A 156 4.08 10.82 20.94
C LEU A 156 5.53 10.35 20.81
N ARG A 157 6.48 11.21 21.22
CA ARG A 157 7.88 10.82 21.18
C ARG A 157 8.15 9.63 22.08
N ALA A 158 7.60 9.66 23.29
CA ALA A 158 7.74 8.52 24.20
C ALA A 158 7.16 7.26 23.59
N TYR A 159 6.10 7.38 22.79
CA TYR A 159 5.53 6.22 22.11
C TYR A 159 6.47 5.70 21.04
N LEU A 160 6.95 6.60 20.17
CA LEU A 160 7.76 6.17 19.03
C LEU A 160 9.10 5.58 19.48
N GLU A 161 9.74 6.20 20.48
CA GLU A 161 11.04 5.71 20.94
C GLU A 161 10.91 4.49 21.84
N GLY A 162 9.78 4.32 22.53
CA GLY A 162 9.64 3.23 23.45
C GLY A 162 8.56 2.21 23.10
N THR A 163 7.32 2.53 23.46
CA THR A 163 6.19 1.60 23.33
C THR A 163 6.10 0.99 21.93
N CYS A 164 6.27 1.83 20.91
CA CYS A 164 6.20 1.38 19.53
C CYS A 164 7.25 0.29 19.25
N VAL A 165 8.47 0.52 19.72
CA VAL A 165 9.56 -0.45 19.52
C VAL A 165 9.27 -1.76 20.24
N GLU A 166 8.76 -1.68 21.47
CA GLU A 166 8.50 -2.89 22.25
C GLU A 166 7.43 -3.74 21.59
N TRP A 167 6.37 -3.11 21.10
CA TRP A 167 5.31 -3.87 20.42
C TRP A 167 5.83 -4.47 19.12
N LEU A 168 6.65 -3.72 18.37
CA LEU A 168 7.21 -4.24 17.14
C LEU A 168 8.06 -5.48 17.41
N ARG A 169 8.91 -5.43 18.44
CA ARG A 169 9.71 -6.60 18.79
CA ARG A 169 9.71 -6.59 18.81
C ARG A 169 8.83 -7.77 19.18
N ARG A 170 7.75 -7.51 19.94
CA ARG A 170 6.85 -8.58 20.34
C ARG A 170 6.17 -9.20 19.12
N TYR A 171 5.72 -8.37 18.17
CA TYR A 171 5.10 -8.90 16.97
C TYR A 171 6.09 -9.69 16.13
N LEU A 172 7.33 -9.21 16.03
CA LEU A 172 8.33 -9.90 15.23
C LEU A 172 8.64 -11.27 15.79
N GLU A 173 8.69 -11.39 17.12
CA GLU A 173 8.93 -12.69 17.73
C GLU A 173 7.73 -13.61 17.60
N ASN A 174 6.52 -13.09 17.77
CA ASN A 174 5.33 -13.92 17.70
C ASN A 174 5.07 -14.42 16.28
N GLY A 175 5.38 -13.60 15.28
CA GLY A 175 5.13 -13.99 13.90
C GLY A 175 6.39 -14.27 13.10
N LYS A 176 7.44 -14.76 13.79
CA LYS A 176 8.74 -14.90 13.16
C LYS A 176 8.76 -15.92 12.03
N GLU A 177 7.84 -16.90 12.05
CA GLU A 177 7.80 -17.90 10.99
C GLU A 177 7.59 -17.25 9.62
N THR A 178 6.86 -16.14 9.56
CA THR A 178 6.66 -15.41 8.32
C THR A 178 7.32 -14.05 8.30
N LEU A 179 7.24 -13.29 9.41
CA LEU A 179 7.74 -11.92 9.41
C LEU A 179 9.26 -11.88 9.22
N GLN A 180 9.98 -12.83 9.82
CA GLN A 180 11.43 -12.89 9.71
C GLN A 180 11.89 -13.89 8.66
N ARG A 181 11.01 -14.28 7.75
CA ARG A 181 11.35 -15.13 6.62
C ARG A 181 11.30 -14.29 5.34
N THR A 182 12.39 -14.33 4.57
CA THR A 182 12.45 -13.65 3.30
C THR A 182 12.13 -14.64 2.18
N ASP A 183 11.24 -14.25 1.27
CA ASP A 183 10.90 -15.05 0.11
C ASP A 183 11.61 -14.47 -1.10
N ALA A 184 12.64 -15.16 -1.57
CA ALA A 184 13.40 -14.67 -2.71
C ALA A 184 12.52 -14.68 -3.95
N PRO A 185 12.73 -13.75 -4.87
CA PRO A 185 11.89 -13.71 -6.08
C PRO A 185 12.11 -14.93 -6.95
N LYS A 186 11.01 -15.49 -7.47
CA LYS A 186 11.05 -16.55 -8.46
C LYS A 186 11.11 -15.89 -9.82
N THR A 187 12.26 -16.02 -10.50
CA THR A 187 12.54 -15.25 -11.70
C THR A 187 12.54 -16.14 -12.93
N HIS A 188 12.07 -15.59 -14.05
CA HIS A 188 12.16 -16.22 -15.36
C HIS A 188 12.05 -15.13 -16.42
N MET A 189 12.49 -15.47 -17.63
CA MET A 189 12.49 -14.53 -18.76
CA MET A 189 12.49 -14.53 -18.76
C MET A 189 11.63 -15.09 -19.88
N THR A 190 10.85 -14.21 -20.51
CA THR A 190 10.03 -14.58 -21.65
C THR A 190 10.48 -13.78 -22.88
N HIS A 191 10.20 -14.33 -24.05
CA HIS A 191 10.63 -13.76 -25.32
C HIS A 191 9.42 -13.65 -26.25
N HIS A 192 9.20 -12.47 -26.80
CA HIS A 192 8.06 -12.22 -27.67
C HIS A 192 8.54 -11.48 -28.92
N ALA A 193 8.29 -12.07 -30.08
CA ALA A 193 8.59 -11.40 -31.34
C ALA A 193 7.65 -10.22 -31.55
N VAL A 194 8.22 -9.04 -31.78
CA VAL A 194 7.45 -7.82 -31.97
C VAL A 194 7.39 -7.51 -33.47
N SER A 195 8.48 -7.81 -34.17
CA SER A 195 8.55 -7.62 -35.61
C SER A 195 9.55 -8.62 -36.17
N ASP A 196 9.77 -8.55 -37.49
CA ASP A 196 10.77 -9.40 -38.13
C ASP A 196 12.18 -9.07 -37.66
N HIS A 197 12.39 -7.89 -37.11
CA HIS A 197 13.72 -7.43 -36.74
C HIS A 197 13.89 -7.12 -35.27
N GLU A 198 12.83 -7.15 -34.47
CA GLU A 198 12.89 -6.79 -33.05
C GLU A 198 12.13 -7.79 -32.21
N ALA A 199 12.53 -7.89 -30.95
CA ALA A 199 11.90 -8.77 -29.99
C ALA A 199 11.89 -8.10 -28.62
N THR A 200 10.97 -8.55 -27.77
CA THR A 200 10.83 -8.04 -26.42
C THR A 200 11.21 -9.15 -25.44
N LEU A 201 12.17 -8.87 -24.57
CA LEU A 201 12.52 -9.74 -23.46
C LEU A 201 11.89 -9.19 -22.19
N ARG A 202 11.14 -10.03 -21.48
CA ARG A 202 10.49 -9.63 -20.24
C ARG A 202 11.06 -10.46 -19.10
N CYS A 203 11.59 -9.77 -18.09
CA CYS A 203 12.21 -10.39 -16.93
C CYS A 203 11.21 -10.35 -15.77
N TRP A 204 10.79 -11.52 -15.29
CA TRP A 204 9.74 -11.63 -14.29
C TRP A 204 10.34 -11.90 -12.92
N ALA A 205 9.78 -11.27 -11.90
CA ALA A 205 10.05 -11.60 -10.50
C ALA A 205 8.73 -11.80 -9.79
N LEU A 206 8.52 -13.00 -9.24
CA LEU A 206 7.23 -13.39 -8.71
C LEU A 206 7.36 -13.95 -7.30
N SER A 207 6.32 -13.72 -6.51
CA SER A 207 6.12 -14.38 -5.21
C SER A 207 7.25 -14.06 -4.23
N PHE A 208 7.70 -12.80 -4.22
CA PHE A 208 8.76 -12.38 -3.33
C PHE A 208 8.22 -11.55 -2.17
N TYR A 209 9.01 -11.50 -1.09
CA TYR A 209 8.69 -10.77 0.12
C TYR A 209 10.04 -10.47 0.78
N PRO A 210 10.27 -9.22 1.20
CA PRO A 210 9.33 -8.10 1.18
C PRO A 210 9.17 -7.45 -0.20
N ALA A 211 8.43 -6.34 -0.25
CA ALA A 211 8.08 -5.73 -1.53
C ALA A 211 9.28 -5.08 -2.22
N GLU A 212 10.26 -4.62 -1.45
CA GLU A 212 11.39 -3.91 -2.04
C GLU A 212 12.21 -4.82 -2.95
N ILE A 213 12.51 -4.33 -4.15
CA ILE A 213 13.24 -5.10 -5.14
C ILE A 213 13.79 -4.13 -6.18
N THR A 214 14.85 -4.55 -6.87
CA THR A 214 15.45 -3.75 -7.94
C THR A 214 15.66 -4.64 -9.15
N LEU A 215 14.97 -4.34 -10.25
CA LEU A 215 15.14 -5.04 -11.52
C LEU A 215 15.76 -4.08 -12.53
N THR A 216 16.87 -4.48 -13.13
CA THR A 216 17.61 -3.62 -14.03
C THR A 216 18.04 -4.42 -15.26
N TRP A 217 18.02 -3.76 -16.41
CA TRP A 217 18.54 -4.33 -17.65
C TRP A 217 19.96 -3.81 -17.90
N GLN A 218 20.82 -4.69 -18.41
CA GLN A 218 22.17 -4.33 -18.81
C GLN A 218 22.45 -4.85 -20.21
N ARG A 219 23.06 -3.99 -21.03
CA ARG A 219 23.53 -4.37 -22.37
C ARG A 219 25.05 -4.40 -22.34
N ASP A 220 25.62 -5.58 -22.56
CA ASP A 220 27.07 -5.77 -22.56
C ASP A 220 27.70 -5.24 -21.28
N GLY A 221 27.02 -5.48 -20.16
CA GLY A 221 27.54 -5.06 -18.86
C GLY A 221 27.32 -3.61 -18.49
N GLU A 222 26.55 -2.86 -19.28
CA GLU A 222 26.28 -1.45 -19.01
CA GLU A 222 26.28 -1.45 -19.01
C GLU A 222 24.78 -1.27 -18.79
N ASP A 223 24.43 -0.51 -17.76
CA ASP A 223 23.04 -0.26 -17.44
C ASP A 223 22.33 0.40 -18.61
N GLN A 224 21.14 -0.10 -18.94
CA GLN A 224 20.34 0.43 -20.04
C GLN A 224 18.94 0.78 -19.53
N THR A 225 18.50 2.00 -19.83
CA THR A 225 17.14 2.42 -19.54
C THR A 225 16.33 2.73 -20.79
N GLN A 226 16.97 3.05 -21.91
CA GLN A 226 16.24 3.31 -23.13
C GLN A 226 15.57 2.03 -23.63
N ASP A 227 14.38 2.20 -24.22
CA ASP A 227 13.61 1.09 -24.77
C ASP A 227 13.33 0.02 -23.72
N THR A 228 13.10 0.46 -22.48
CA THR A 228 12.71 -0.44 -21.40
C THR A 228 11.38 0.00 -20.81
N GLU A 229 10.71 -0.96 -20.16
CA GLU A 229 9.45 -0.72 -19.47
C GLU A 229 9.50 -1.41 -18.11
N LEU A 230 8.93 -0.74 -17.10
CA LEU A 230 9.07 -1.17 -15.70
C LEU A 230 7.76 -0.90 -14.99
N VAL A 231 6.99 -1.97 -14.72
CA VAL A 231 5.69 -1.84 -14.07
C VAL A 231 5.87 -1.67 -12.57
N GLU A 232 4.91 -0.99 -11.95
CA GLU A 232 4.92 -0.82 -10.50
C GLU A 232 4.77 -2.18 -9.83
N THR A 233 5.49 -2.37 -8.72
CA THR A 233 5.37 -3.59 -7.95
C THR A 233 3.94 -3.77 -7.48
N ARG A 234 3.42 -4.98 -7.64
CA ARG A 234 2.02 -5.26 -7.36
C ARG A 234 1.87 -6.46 -6.44
N PRO A 235 0.81 -6.51 -5.64
CA PRO A 235 0.62 -7.65 -4.74
C PRO A 235 0.00 -8.83 -5.46
N ALA A 236 0.48 -10.03 -5.09
CA ALA A 236 -0.10 -11.25 -5.65
C ALA A 236 -1.46 -11.57 -5.02
N GLY A 237 -1.70 -11.11 -3.80
CA GLY A 237 -2.89 -11.45 -3.06
C GLY A 237 -2.67 -12.45 -1.94
N ASP A 238 -1.55 -13.17 -1.96
CA ASP A 238 -1.21 -14.14 -0.92
C ASP A 238 -0.16 -13.61 0.04
N GLY A 239 0.07 -12.30 0.07
CA GLY A 239 1.10 -11.71 0.89
C GLY A 239 2.41 -11.45 0.20
N THR A 240 2.61 -11.97 -1.00
CA THR A 240 3.83 -11.76 -1.77
C THR A 240 3.56 -10.76 -2.90
N PHE A 241 4.60 -10.45 -3.66
CA PHE A 241 4.56 -9.38 -4.63
C PHE A 241 5.15 -9.83 -5.96
N GLN A 242 4.86 -9.05 -7.00
CA GLN A 242 5.27 -9.33 -8.37
C GLN A 242 5.80 -8.07 -9.02
N LYS A 243 6.66 -8.25 -10.02
CA LYS A 243 7.19 -7.15 -10.81
C LYS A 243 7.83 -7.73 -12.07
N TRP A 244 7.87 -6.92 -13.12
CA TRP A 244 8.61 -7.31 -14.32
C TRP A 244 9.18 -6.09 -15.00
N VAL A 245 10.24 -6.32 -15.77
CA VAL A 245 10.92 -5.29 -16.56
C VAL A 245 11.19 -5.87 -17.93
N ALA A 246 10.98 -5.05 -18.97
CA ALA A 246 11.08 -5.51 -20.35
C ALA A 246 12.01 -4.60 -21.13
N VAL A 247 12.62 -5.16 -22.18
CA VAL A 247 13.51 -4.41 -23.07
C VAL A 247 13.27 -4.89 -24.49
N VAL A 248 13.33 -3.96 -25.45
CA VAL A 248 13.21 -4.26 -26.87
C VAL A 248 14.60 -4.36 -27.45
N VAL A 249 14.92 -5.49 -28.07
CA VAL A 249 16.27 -5.75 -28.57
C VAL A 249 16.21 -6.13 -30.05
N PRO A 250 17.29 -5.95 -30.81
CA PRO A 250 17.30 -6.47 -32.18
C PRO A 250 17.32 -7.99 -32.17
N SER A 251 16.56 -8.58 -33.10
CA SER A 251 16.46 -10.02 -33.17
C SER A 251 17.83 -10.64 -33.43
N GLY A 252 18.16 -11.68 -32.66
CA GLY A 252 19.46 -12.30 -32.72
C GLY A 252 20.48 -11.75 -31.75
N GLN A 253 20.18 -10.63 -31.10
CA GLN A 253 21.11 -9.99 -30.16
C GLN A 253 20.69 -10.17 -28.71
N GLU A 254 19.79 -11.11 -28.44
CA GLU A 254 19.24 -11.27 -27.09
C GLU A 254 20.33 -11.61 -26.07
N GLN A 255 21.37 -12.34 -26.49
CA GLN A 255 22.42 -12.75 -25.56
C GLN A 255 23.22 -11.57 -25.02
N ARG A 256 23.15 -10.40 -25.65
CA ARG A 256 23.85 -9.22 -25.15
C ARG A 256 23.24 -8.70 -23.86
N TYR A 257 22.00 -9.03 -23.56
CA TYR A 257 21.23 -8.38 -22.52
C TYR A 257 21.10 -9.29 -21.31
N THR A 258 21.25 -8.70 -20.12
CA THR A 258 21.11 -9.42 -18.86
C THR A 258 20.16 -8.68 -17.95
N CYS A 259 19.32 -9.43 -17.25
CA CYS A 259 18.43 -8.89 -16.23
C CYS A 259 19.06 -9.14 -14.87
N HIS A 260 19.18 -8.10 -14.07
CA HIS A 260 19.81 -8.16 -12.76
C HIS A 260 18.77 -7.90 -11.68
N VAL A 261 18.68 -8.81 -10.72
CA VAL A 261 17.66 -8.80 -9.69
C VAL A 261 18.32 -8.67 -8.33
N GLN A 262 17.93 -7.66 -7.56
CA GLN A 262 18.41 -7.46 -6.21
C GLN A 262 17.22 -7.51 -5.25
N HIS A 263 17.37 -8.30 -4.18
CA HIS A 263 16.30 -8.50 -3.21
C HIS A 263 16.91 -8.96 -1.90
N GLU A 264 16.20 -8.69 -0.81
CA GLU A 264 16.68 -9.07 0.52
C GLU A 264 16.89 -10.57 0.65
N GLY A 265 16.09 -11.37 -0.06
CA GLY A 265 16.16 -12.81 0.05
C GLY A 265 17.24 -13.48 -0.78
N LEU A 266 18.01 -12.71 -1.54
CA LEU A 266 19.07 -13.26 -2.38
C LEU A 266 20.42 -12.95 -1.78
N PRO A 267 21.21 -13.97 -1.39
CA PRO A 267 22.56 -13.69 -0.88
C PRO A 267 23.42 -12.92 -1.86
N LYS A 268 23.32 -13.23 -3.14
CA LYS A 268 23.94 -12.48 -4.22
C LYS A 268 22.89 -12.14 -5.26
N PRO A 269 23.04 -11.01 -5.95
CA PRO A 269 22.06 -10.64 -6.98
C PRO A 269 21.99 -11.69 -8.09
N LEU A 270 20.79 -11.85 -8.64
CA LEU A 270 20.56 -12.81 -9.71
C LEU A 270 20.82 -12.16 -11.06
N THR A 271 21.30 -12.97 -12.01
CA THR A 271 21.55 -12.54 -13.37
C THR A 271 20.89 -13.52 -14.32
N LEU A 272 20.00 -13.02 -15.17
CA LEU A 272 19.28 -13.84 -16.14
C LEU A 272 19.68 -13.42 -17.55
N ARG A 273 19.83 -14.40 -18.42
CA ARG A 273 20.25 -14.18 -19.80
C ARG A 273 19.50 -15.12 -20.72
N TRP A 274 19.04 -14.58 -21.85
CA TRP A 274 18.38 -15.39 -22.87
C TRP A 274 19.40 -15.96 -23.86
N ILE B 1 -5.42 18.05 -6.65
CA ILE B 1 -6.14 17.37 -5.58
C ILE B 1 -6.91 16.17 -6.11
N GLN B 2 -6.75 15.88 -7.40
CA GLN B 2 -7.40 14.74 -8.03
C GLN B 2 -6.39 14.03 -8.91
N ARG B 3 -6.15 12.75 -8.63
CA ARG B 3 -5.23 11.94 -9.40
C ARG B 3 -5.98 10.71 -9.89
N THR B 4 -5.83 10.41 -11.18
CA THR B 4 -6.56 9.32 -11.78
C THR B 4 -5.89 7.98 -11.44
N PRO B 5 -6.67 6.91 -11.33
CA PRO B 5 -6.10 5.61 -10.89
C PRO B 5 -5.33 4.93 -12.00
N LYS B 6 -4.14 4.44 -11.66
CA LYS B 6 -3.48 3.46 -12.52
C LYS B 6 -4.09 2.08 -12.26
N ILE B 7 -4.09 1.25 -13.30
CA ILE B 7 -4.80 -0.03 -13.25
C ILE B 7 -3.88 -1.13 -13.79
N GLN B 8 -3.82 -2.25 -13.07
CA GLN B 8 -3.16 -3.46 -13.54
C GLN B 8 -4.11 -4.64 -13.37
N VAL B 9 -4.28 -5.41 -14.43
CA VAL B 9 -5.10 -6.62 -14.41
C VAL B 9 -4.17 -7.80 -14.68
N TYR B 10 -4.17 -8.77 -13.78
CA TYR B 10 -3.19 -9.85 -13.84
C TYR B 10 -3.67 -11.01 -12.98
N SER B 11 -3.08 -12.17 -13.21
CA SER B 11 -3.37 -13.36 -12.44
C SER B 11 -2.31 -13.55 -11.36
N ARG B 12 -2.73 -14.17 -10.25
CA ARG B 12 -1.79 -14.44 -9.16
C ARG B 12 -0.73 -15.45 -9.58
N HIS B 13 -1.14 -16.48 -10.31
CA HIS B 13 -0.28 -17.54 -10.78
C HIS B 13 -0.25 -17.54 -12.31
N PRO B 14 0.77 -18.12 -12.92
CA PRO B 14 0.78 -18.27 -14.39
C PRO B 14 -0.50 -18.92 -14.88
N ALA B 15 -1.13 -18.28 -15.87
CA ALA B 15 -2.44 -18.71 -16.33
C ALA B 15 -2.34 -19.98 -17.17
N GLU B 16 -3.07 -21.01 -16.76
CA GLU B 16 -3.23 -22.24 -17.54
C GLU B 16 -4.70 -22.59 -17.58
N ASN B 17 -5.20 -22.91 -18.77
CA ASN B 17 -6.62 -23.20 -18.93
C ASN B 17 -7.02 -24.43 -18.14
N GLY B 18 -8.18 -24.36 -17.49
CA GLY B 18 -8.67 -25.45 -16.68
C GLY B 18 -8.09 -25.54 -15.29
N LYS B 19 -7.18 -24.62 -14.93
CA LYS B 19 -6.55 -24.62 -13.61
C LYS B 19 -7.02 -23.40 -12.84
N SER B 20 -7.51 -23.63 -11.62
CA SER B 20 -7.98 -22.54 -10.79
C SER B 20 -6.87 -21.54 -10.53
N ASN B 21 -7.25 -20.27 -10.47
CA ASN B 21 -6.30 -19.17 -10.30
C ASN B 21 -7.01 -18.02 -9.62
N PHE B 22 -6.34 -16.88 -9.52
CA PHE B 22 -6.91 -15.68 -8.92
C PHE B 22 -6.72 -14.51 -9.88
N LEU B 23 -7.81 -13.82 -10.19
CA LEU B 23 -7.78 -12.64 -11.05
C LEU B 23 -7.68 -11.40 -10.19
N ASN B 24 -6.69 -10.56 -10.47
CA ASN B 24 -6.42 -9.37 -9.66
C ASN B 24 -6.62 -8.11 -10.49
N CYS B 25 -7.26 -7.11 -9.89
CA CYS B 25 -7.30 -5.76 -10.44
C CYS B 25 -6.70 -4.84 -9.38
N TYR B 26 -5.50 -4.33 -9.66
CA TYR B 26 -4.77 -3.48 -8.71
C TYR B 26 -4.92 -2.03 -9.17
N VAL B 27 -5.60 -1.23 -8.35
CA VAL B 27 -5.79 0.20 -8.62
C VAL B 27 -4.94 0.98 -7.63
N SER B 28 -4.17 1.95 -8.13
CA SER B 28 -3.21 2.67 -7.31
C SER B 28 -3.10 4.11 -7.80
N GLY B 29 -2.50 4.94 -6.95
CA GLY B 29 -2.19 6.31 -7.34
C GLY B 29 -3.37 7.22 -7.53
N PHE B 30 -4.50 6.96 -6.87
CA PHE B 30 -5.68 7.77 -7.06
C PHE B 30 -6.03 8.55 -5.79
N HIS B 31 -6.78 9.63 -5.99
CA HIS B 31 -7.26 10.53 -4.95
C HIS B 31 -8.40 11.36 -5.53
N PRO B 32 -9.54 11.50 -4.84
CA PRO B 32 -9.86 10.95 -3.51
C PRO B 32 -10.08 9.44 -3.49
N SER B 33 -10.41 8.90 -2.30
CA SER B 33 -10.45 7.46 -2.11
C SER B 33 -11.68 6.80 -2.70
N ASP B 34 -12.77 7.54 -2.86
CA ASP B 34 -14.00 6.96 -3.40
C ASP B 34 -13.78 6.46 -4.82
N ILE B 35 -14.08 5.18 -5.04
CA ILE B 35 -13.84 4.55 -6.34
C ILE B 35 -14.80 3.38 -6.46
N GLU B 36 -15.08 2.98 -7.71
CA GLU B 36 -15.92 1.84 -8.02
C GLU B 36 -15.13 0.90 -8.93
N VAL B 37 -14.97 -0.35 -8.52
CA VAL B 37 -14.18 -1.33 -9.26
C VAL B 37 -14.99 -2.61 -9.40
N ASP B 38 -15.13 -3.09 -10.63
CA ASP B 38 -15.79 -4.35 -10.93
C ASP B 38 -14.87 -5.22 -11.76
N LEU B 39 -14.97 -6.53 -11.56
CA LEU B 39 -14.33 -7.51 -12.42
C LEU B 39 -15.39 -8.12 -13.32
N LEU B 40 -15.10 -8.19 -14.62
CA LEU B 40 -16.07 -8.60 -15.63
C LEU B 40 -15.64 -9.89 -16.28
N LYS B 41 -16.58 -10.83 -16.40
CA LYS B 41 -16.39 -12.04 -17.18
C LYS B 41 -17.32 -11.95 -18.39
N ASN B 42 -16.72 -11.76 -19.57
CA ASN B 42 -17.48 -11.59 -20.82
C ASN B 42 -18.51 -10.47 -20.69
N GLY B 43 -18.11 -9.38 -20.03
CA GLY B 43 -18.97 -8.23 -19.87
C GLY B 43 -19.93 -8.29 -18.70
N GLU B 44 -19.97 -9.39 -17.96
CA GLU B 44 -20.87 -9.55 -16.82
C GLU B 44 -20.09 -9.37 -15.53
N ARG B 45 -20.64 -8.56 -14.62
CA ARG B 45 -19.97 -8.28 -13.35
C ARG B 45 -19.93 -9.53 -12.48
N ILE B 46 -18.77 -9.83 -11.93
CA ILE B 46 -18.61 -10.98 -11.04
C ILE B 46 -19.03 -10.56 -9.63
N GLU B 47 -19.95 -11.33 -9.04
CA GLU B 47 -20.53 -10.94 -7.76
C GLU B 47 -19.56 -11.19 -6.61
N LYS B 48 -18.91 -12.34 -6.61
CA LYS B 48 -18.03 -12.73 -5.50
C LYS B 48 -16.62 -12.19 -5.72
N VAL B 49 -16.51 -10.87 -5.55
CA VAL B 49 -15.24 -10.16 -5.69
C VAL B 49 -14.92 -9.50 -4.35
N GLU B 50 -13.77 -9.83 -3.79
CA GLU B 50 -13.29 -9.23 -2.55
C GLU B 50 -12.25 -8.16 -2.85
N HIS B 51 -11.95 -7.36 -1.83
CA HIS B 51 -10.95 -6.31 -1.98
C HIS B 51 -10.21 -6.11 -0.67
N SER B 52 -9.01 -5.55 -0.78
CA SER B 52 -8.17 -5.30 0.38
C SER B 52 -8.65 -4.06 1.13
N ASP B 53 -8.05 -3.81 2.29
CA ASP B 53 -8.38 -2.63 3.08
C ASP B 53 -7.65 -1.40 2.53
N LEU B 54 -8.32 -0.26 2.65
CA LEU B 54 -7.82 0.97 2.05
C LEU B 54 -6.53 1.42 2.73
N SER B 55 -5.50 1.67 1.92
CA SER B 55 -4.23 2.22 2.38
C SER B 55 -3.76 3.23 1.35
N PHE B 56 -2.59 3.84 1.61
CA PHE B 56 -2.07 4.86 0.71
C PHE B 56 -0.54 4.80 0.72
N SER B 57 0.06 5.41 -0.30
CA SER B 57 1.49 5.38 -0.51
CA SER B 57 1.50 5.38 -0.50
C SER B 57 2.13 6.66 0.04
N LYS B 58 3.42 6.86 -0.28
CA LYS B 58 4.16 7.99 0.23
C LYS B 58 3.58 9.32 -0.21
N ASP B 59 3.01 9.39 -1.42
CA ASP B 59 2.47 10.63 -1.95
C ASP B 59 1.01 10.86 -1.58
N TRP B 60 0.50 10.10 -0.61
CA TRP B 60 -0.87 10.16 -0.09
C TRP B 60 -1.90 9.59 -1.05
N SER B 61 -1.48 9.06 -2.20
CA SER B 61 -2.42 8.45 -3.13
C SER B 61 -2.79 7.04 -2.66
N PHE B 62 -4.06 6.69 -2.84
CA PHE B 62 -4.58 5.43 -2.32
C PHE B 62 -4.29 4.27 -3.27
N TYR B 63 -4.39 3.06 -2.74
CA TYR B 63 -4.30 1.86 -3.56
C TYR B 63 -5.21 0.78 -2.97
N LEU B 64 -5.79 -0.01 -3.87
CA LEU B 64 -6.67 -1.11 -3.50
C LEU B 64 -6.42 -2.29 -4.42
N LEU B 65 -6.61 -3.49 -3.89
CA LEU B 65 -6.53 -4.72 -4.67
C LEU B 65 -7.88 -5.40 -4.64
N TYR B 66 -8.48 -5.58 -5.82
CA TYR B 66 -9.70 -6.36 -5.98
C TYR B 66 -9.35 -7.70 -6.63
N TYR B 67 -9.98 -8.77 -6.16
CA TYR B 67 -9.60 -10.10 -6.62
C TYR B 67 -10.78 -11.04 -6.55
N THR B 68 -10.73 -12.08 -7.38
CA THR B 68 -11.71 -13.15 -7.38
C THR B 68 -11.05 -14.45 -7.80
N GLU B 69 -11.55 -15.56 -7.26
CA GLU B 69 -11.18 -16.87 -7.75
C GLU B 69 -11.78 -17.09 -9.14
N PHE B 70 -11.00 -17.67 -10.04
CA PHE B 70 -11.48 -17.90 -11.39
C PHE B 70 -10.66 -19.00 -12.05
N THR B 71 -11.27 -19.64 -13.03
CA THR B 71 -10.63 -20.69 -13.82
C THR B 71 -10.57 -20.21 -15.27
N PRO B 72 -9.41 -19.79 -15.76
CA PRO B 72 -9.36 -19.27 -17.13
C PRO B 72 -9.59 -20.38 -18.15
N THR B 73 -10.29 -20.04 -19.23
CA THR B 73 -10.46 -20.90 -20.38
C THR B 73 -9.96 -20.15 -21.62
N GLU B 74 -10.06 -20.78 -22.77
CA GLU B 74 -9.58 -20.13 -23.99
C GLU B 74 -10.59 -19.15 -24.56
N LYS B 75 -11.88 -19.31 -24.26
CA LYS B 75 -12.91 -18.43 -24.80
C LYS B 75 -13.30 -17.32 -23.84
N ASP B 76 -13.33 -17.59 -22.55
CA ASP B 76 -13.73 -16.59 -21.56
C ASP B 76 -12.75 -15.42 -21.55
N GLU B 77 -13.27 -14.20 -21.60
CA GLU B 77 -12.46 -13.00 -21.56
C GLU B 77 -12.77 -12.22 -20.29
N TYR B 78 -11.73 -11.71 -19.64
CA TYR B 78 -11.85 -11.04 -18.35
C TYR B 78 -11.33 -9.62 -18.44
N ALA B 79 -11.89 -8.74 -17.62
CA ALA B 79 -11.55 -7.33 -17.64
C ALA B 79 -11.87 -6.70 -16.30
N CYS B 80 -11.39 -5.47 -16.11
CA CYS B 80 -11.64 -4.71 -14.89
CA CYS B 80 -11.64 -4.71 -14.89
C CYS B 80 -12.20 -3.35 -15.27
N ARG B 81 -13.33 -2.99 -14.66
CA ARG B 81 -14.00 -1.73 -14.91
C ARG B 81 -13.86 -0.83 -13.68
N VAL B 82 -13.34 0.37 -13.89
CA VAL B 82 -13.05 1.30 -12.80
C VAL B 82 -13.68 2.64 -13.11
N ASN B 83 -14.44 3.18 -12.16
CA ASN B 83 -14.97 4.53 -12.24
C ASN B 83 -14.45 5.36 -11.08
N HIS B 84 -14.11 6.61 -11.38
CA HIS B 84 -13.55 7.53 -10.41
C HIS B 84 -13.98 8.94 -10.81
N VAL B 85 -13.87 9.88 -9.87
CA VAL B 85 -14.29 11.25 -10.16
C VAL B 85 -13.46 11.85 -11.28
N THR B 86 -12.24 11.37 -11.48
CA THR B 86 -11.37 11.88 -12.53
C THR B 86 -11.72 11.34 -13.91
N LEU B 87 -12.61 10.35 -14.01
CA LEU B 87 -12.92 9.69 -15.26
C LEU B 87 -14.30 10.12 -15.76
N SER B 88 -14.37 10.59 -17.00
CA SER B 88 -15.67 10.94 -17.58
C SER B 88 -16.51 9.70 -17.84
N GLN B 89 -15.87 8.60 -18.25
CA GLN B 89 -16.53 7.34 -18.48
CA GLN B 89 -16.53 7.34 -18.48
C GLN B 89 -15.77 6.22 -17.78
N PRO B 90 -16.46 5.15 -17.40
CA PRO B 90 -15.76 4.02 -16.76
C PRO B 90 -14.64 3.49 -17.66
N LYS B 91 -13.48 3.26 -17.07
CA LYS B 91 -12.33 2.73 -17.78
C LYS B 91 -12.32 1.21 -17.66
N ILE B 92 -12.28 0.54 -18.80
CA ILE B 92 -12.25 -0.92 -18.86
C ILE B 92 -10.88 -1.35 -19.38
N VAL B 93 -10.17 -2.15 -18.59
CA VAL B 93 -8.86 -2.67 -18.95
C VAL B 93 -8.98 -4.19 -19.07
N LYS B 94 -8.67 -4.71 -20.25
CA LYS B 94 -8.78 -6.16 -20.48
C LYS B 94 -7.58 -6.88 -19.91
N TRP B 95 -7.82 -8.09 -19.41
CA TRP B 95 -6.75 -8.92 -18.88
C TRP B 95 -5.89 -9.48 -20.01
N ASP B 96 -4.60 -9.11 -20.01
CA ASP B 96 -3.62 -9.68 -20.92
C ASP B 96 -2.77 -10.65 -20.12
N ARG B 97 -2.85 -11.94 -20.45
CA ARG B 97 -2.18 -12.96 -19.65
C ARG B 97 -0.66 -12.86 -19.73
N ASP B 98 -0.11 -12.06 -20.64
CA ASP B 98 1.31 -11.76 -20.64
C ASP B 98 1.62 -10.37 -20.10
N MET B 99 0.61 -9.51 -19.98
CA MET B 99 0.76 -8.09 -19.62
C MET B 99 1.67 -7.30 -20.59
N ALA C 1 0.64 -2.10 18.88
CA ALA C 1 -0.43 -1.33 19.50
C ALA C 1 -0.36 0.12 19.04
N ILE C 2 -1.53 0.74 18.82
CA ILE C 2 -1.57 2.07 18.24
C ILE C 2 -1.28 3.11 19.31
N PHE C 3 -0.92 4.31 18.85
CA PHE C 3 -0.80 5.48 19.73
C PHE C 3 -2.18 5.87 20.26
N GLN C 4 -2.24 6.27 21.52
CA GLN C 4 -3.53 6.53 22.18
C GLN C 4 -3.66 7.95 22.72
N SER C 5 -2.82 8.88 22.26
CA SER C 5 -2.82 10.23 22.81
C SER C 5 -2.69 11.28 21.71
N SER C 6 -3.34 11.03 20.57
CA SER C 6 -3.36 12.03 19.51
C SER C 6 -4.11 13.28 19.98
N MET C 7 -3.52 14.44 19.71
CA MET C 7 -4.13 15.71 20.09
C MET C 7 -4.90 16.30 18.92
N THR C 8 -6.02 16.95 19.23
CA THR C 8 -6.84 17.56 18.20
C THR C 8 -6.09 18.71 17.52
N LYS C 9 -6.34 18.88 16.23
CA LYS C 9 -5.64 19.89 15.44
C LYS C 9 -6.19 21.28 15.66
#